data_7U1N
#
_entry.id   7U1N
#
_cell.length_a   70.730
_cell.length_b   71.600
_cell.length_c   71.750
_cell.angle_alpha   90.000
_cell.angle_beta   111.227
_cell.angle_gamma   90.000
#
_symmetry.space_group_name_H-M   'P 1 21 1'
#
loop_
_entity.id
_entity.type
_entity.pdbx_description
1 polymer 'Long form D7 salivary protein'
2 non-polymer 2-ETHOXYETHANOL
3 non-polymer 'SULFATE ION'
4 non-polymer 2-(2-METHOXYETHOXY)ETHANOL
5 non-polymer GLYCEROL
6 non-polymer DI(HYDROXYETHYL)ETHER
7 non-polymer 1,2-ETHANEDIOL
8 water water
#
_entity_poly.entity_id   1
_entity_poly.type   'polypeptide(L)'
_entity_poly.pdbx_seq_one_letter_code
;RQRWTALTPEETLFIYTRCQEEHLPADNNSRKTYIENWHQWKLQPNDHVTQCYTKCVLEGLELYDGKQKKFRPGRVSSQH
VAYQFLNGATADEVAKYKGAIDALEPASDSCEDLYMAYFPVHETFVNVTRKLYHGTVEGAARVYNSDPNLKRKNESLFTY
CEKHVYGDQNREDMCRGRRYELTGSDELRNMIECVFRGLRYIKHGDINIDEIVRDFDHINRGDLEPRVRTILSDCRGIQP
YDYYSCLINSDIREEFKLAFDYRDVRSADYAYIVKGNTYDAQKVIAEMNKVEKHVCG
;
_entity_poly.pdbx_strand_id   A,B
#
# COMPACT_ATOMS: atom_id res chain seq x y z
N ARG A 3 -23.28 24.87 -17.18
CA ARG A 3 -22.97 25.07 -15.77
C ARG A 3 -22.76 23.73 -15.04
N TRP A 4 -22.92 23.73 -13.72
CA TRP A 4 -22.66 22.52 -12.94
C TRP A 4 -23.78 21.51 -13.12
N THR A 5 -23.42 20.28 -13.47
CA THR A 5 -24.39 19.21 -13.64
C THR A 5 -24.49 18.37 -12.37
N ALA A 6 -25.72 18.03 -12.01
CA ALA A 6 -25.97 17.25 -10.81
C ALA A 6 -25.41 15.84 -10.94
N LEU A 7 -24.88 15.33 -9.84
CA LEU A 7 -24.25 14.01 -9.85
C LEU A 7 -25.30 12.91 -9.78
N THR A 8 -25.07 11.87 -10.55
CA THR A 8 -25.92 10.70 -10.58
C THR A 8 -25.59 9.78 -9.41
N PRO A 9 -26.49 8.87 -9.06
CA PRO A 9 -26.17 7.91 -7.98
C PRO A 9 -24.95 7.06 -8.31
N GLU A 10 -24.74 6.67 -9.57
CA GLU A 10 -23.48 6.03 -9.93
C GLU A 10 -22.31 6.93 -9.59
N GLU A 11 -22.42 8.23 -9.88
CA GLU A 11 -21.31 9.13 -9.62
C GLU A 11 -21.05 9.30 -8.13
N THR A 12 -22.10 9.48 -7.32
CA THR A 12 -21.89 9.69 -5.90
C THR A 12 -21.47 8.39 -5.21
N LEU A 13 -22.01 7.26 -5.65
CA LEU A 13 -21.53 5.97 -5.14
C LEU A 13 -20.04 5.78 -5.40
N PHE A 14 -19.57 6.22 -6.57
CA PHE A 14 -18.13 6.17 -6.83
C PHE A 14 -17.37 7.02 -5.83
N ILE A 15 -17.86 8.22 -5.54
CA ILE A 15 -17.20 9.10 -4.59
C ILE A 15 -17.16 8.47 -3.19
N TYR A 16 -18.31 7.99 -2.72
CA TYR A 16 -18.40 7.48 -1.36
C TYR A 16 -17.41 6.34 -1.14
N THR A 17 -17.35 5.42 -2.10
CA THR A 17 -16.51 4.23 -1.96
C THR A 17 -15.04 4.54 -2.29
N ARG A 18 -14.78 5.41 -3.27
CA ARG A 18 -13.38 5.72 -3.54
C ARG A 18 -12.76 6.47 -2.38
N CYS A 19 -13.51 7.39 -1.77
CA CYS A 19 -13.01 8.07 -0.58
C CYS A 19 -12.72 7.08 0.54
N GLN A 20 -13.57 6.06 0.68
CA GLN A 20 -13.30 5.02 1.67
C GLN A 20 -12.01 4.26 1.37
N GLU A 21 -11.79 3.89 0.10
CA GLU A 21 -10.52 3.27 -0.26
C GLU A 21 -9.36 4.17 0.11
N GLU A 22 -9.49 5.48 -0.16
CA GLU A 22 -8.39 6.39 0.08
C GLU A 22 -8.07 6.54 1.56
N HIS A 23 -9.06 6.39 2.46
CA HIS A 23 -8.89 6.85 3.83
C HIS A 23 -9.12 5.78 4.89
N LEU A 24 -9.78 4.67 4.58
CA LEU A 24 -9.93 3.62 5.57
C LEU A 24 -8.54 3.10 5.97
N PRO A 25 -8.24 2.99 7.26
CA PRO A 25 -6.96 2.36 7.67
C PRO A 25 -6.86 0.93 7.17
N ALA A 26 -5.79 0.64 6.43
CA ALA A 26 -5.62 -0.68 5.79
C ALA A 26 -5.48 -1.88 6.73
N ASP A 27 -6.58 -2.50 7.10
CA ASP A 27 -6.57 -3.73 7.93
C ASP A 27 -6.55 -3.43 9.42
N ASN A 28 -5.89 -2.36 9.84
CA ASN A 28 -5.76 -1.97 11.27
C ASN A 28 -7.06 -2.18 12.05
N ASN A 29 -6.97 -2.50 13.35
CA ASN A 29 -8.17 -2.82 14.19
C ASN A 29 -9.19 -1.68 14.23
N SER A 30 -8.83 -0.51 13.72
CA SER A 30 -9.70 0.68 13.74
C SER A 30 -10.62 0.71 12.52
N ARG A 31 -10.32 -0.07 11.49
CA ARG A 31 -11.07 -0.01 10.20
C ARG A 31 -12.57 -0.16 10.36
N LYS A 32 -13.00 -1.24 10.96
CA LYS A 32 -14.43 -1.52 11.08
C LYS A 32 -15.15 -0.38 11.82
N THR A 33 -14.48 0.27 12.77
CA THR A 33 -15.11 1.40 13.42
C THR A 33 -15.48 2.49 12.43
N TYR A 34 -14.60 2.78 11.47
CA TYR A 34 -14.94 3.80 10.49
C TYR A 34 -15.99 3.29 9.49
N ILE A 35 -15.97 1.98 9.18
CA ILE A 35 -16.99 1.46 8.28
C ILE A 35 -18.36 1.53 8.93
N GLU A 36 -18.44 1.12 10.20
CA GLU A 36 -19.74 1.06 10.86
C GLU A 36 -20.29 2.47 11.10
N ASN A 37 -19.41 3.44 11.43
CA ASN A 37 -19.86 4.81 11.62
C ASN A 37 -20.25 5.46 10.29
N TRP A 38 -19.33 5.49 9.32
CA TRP A 38 -19.57 6.25 8.10
C TRP A 38 -20.78 5.72 7.34
N HIS A 39 -20.99 4.39 7.34
CA HIS A 39 -22.15 3.83 6.68
C HIS A 39 -23.45 4.24 7.36
N GLN A 40 -23.39 4.59 8.65
CA GLN A 40 -24.49 5.28 9.32
C GLN A 40 -24.49 6.77 9.07
N TRP A 41 -23.54 7.28 8.28
CA TRP A 41 -23.34 8.72 8.05
C TRP A 41 -23.03 9.43 9.37
N LYS A 42 -22.49 8.67 10.33
CA LYS A 42 -21.98 9.22 11.58
C LYS A 42 -20.52 9.63 11.37
N LEU A 43 -20.26 10.94 11.32
CA LEU A 43 -18.90 11.44 11.10
C LEU A 43 -18.10 11.35 12.41
N GLN A 44 -17.87 10.11 12.83
CA GLN A 44 -17.23 9.78 14.10
C GLN A 44 -16.32 8.59 13.90
N PRO A 45 -15.24 8.47 14.70
CA PRO A 45 -14.81 9.40 15.74
C PRO A 45 -14.23 10.65 15.11
N ASN A 46 -14.09 11.71 15.89
CA ASN A 46 -13.55 12.97 15.41
C ASN A 46 -12.02 12.90 15.47
N ASP A 47 -11.43 12.21 14.46
CA ASP A 47 -9.97 12.12 14.37
C ASP A 47 -9.51 12.41 12.95
N HIS A 48 -8.23 12.16 12.66
CA HIS A 48 -7.67 12.56 11.37
C HIS A 48 -8.28 11.76 10.22
N VAL A 49 -8.57 10.47 10.45
CA VAL A 49 -9.13 9.62 9.41
C VAL A 49 -10.52 10.11 9.02
N THR A 50 -11.43 10.19 9.99
CA THR A 50 -12.76 10.73 9.72
C THR A 50 -12.66 12.08 9.04
N GLN A 51 -11.76 12.94 9.53
CA GLN A 51 -11.72 14.32 9.04
C GLN A 51 -11.32 14.37 7.57
N CYS A 52 -10.30 13.61 7.18
CA CYS A 52 -9.91 13.62 5.79
C CYS A 52 -10.95 12.93 4.92
N TYR A 53 -11.67 11.97 5.48
CA TYR A 53 -12.76 11.34 4.76
C TYR A 53 -13.86 12.34 4.42
N THR A 54 -14.28 13.16 5.39
CA THR A 54 -15.32 14.14 5.07
CA THR A 54 -15.32 14.14 5.07
C THR A 54 -14.80 15.18 4.08
N LYS A 55 -13.53 15.55 4.17
CA LYS A 55 -12.95 16.43 3.14
C LYS A 55 -12.99 15.77 1.77
N CYS A 56 -12.65 14.48 1.70
CA CYS A 56 -12.70 13.75 0.45
C CYS A 56 -14.12 13.73 -0.13
N VAL A 57 -15.11 13.41 0.70
CA VAL A 57 -16.48 13.36 0.18
C VAL A 57 -16.96 14.74 -0.20
N LEU A 58 -16.64 15.76 0.61
CA LEU A 58 -17.08 17.11 0.28
C LEU A 58 -16.54 17.55 -1.06
N GLU A 59 -15.31 17.15 -1.38
CA GLU A 59 -14.76 17.53 -2.68
C GLU A 59 -15.28 16.65 -3.79
N GLY A 60 -15.55 15.38 -3.50
CA GLY A 60 -16.07 14.50 -4.53
C GLY A 60 -17.49 14.86 -4.94
N LEU A 61 -18.32 15.23 -3.97
CA LEU A 61 -19.63 15.75 -4.30
C LEU A 61 -19.53 17.12 -4.95
N GLU A 62 -18.32 17.70 -5.01
CA GLU A 62 -18.09 19.03 -5.55
C GLU A 62 -18.90 20.10 -4.80
N LEU A 63 -19.24 19.76 -3.55
CA LEU A 63 -19.90 20.66 -2.62
C LEU A 63 -18.91 21.68 -2.04
N TYR A 64 -17.71 21.25 -1.70
CA TYR A 64 -16.60 22.17 -1.51
C TYR A 64 -15.74 22.16 -2.77
N ASP A 65 -15.42 23.35 -3.26
CA ASP A 65 -14.70 23.52 -4.53
C ASP A 65 -13.22 23.61 -4.23
N GLY A 66 -12.47 22.57 -4.62
CA GLY A 66 -11.04 22.57 -4.36
C GLY A 66 -10.32 23.72 -5.02
N LYS A 67 -10.51 23.87 -6.34
CA LYS A 67 -9.86 24.94 -7.09
C LYS A 67 -10.08 26.29 -6.43
N GLN A 68 -11.33 26.75 -6.39
CA GLN A 68 -11.65 28.06 -5.83
C GLN A 68 -11.56 28.11 -4.30
N LYS A 69 -11.41 26.96 -3.63
CA LYS A 69 -11.26 26.91 -2.16
C LYS A 69 -12.44 27.55 -1.43
N LYS A 70 -13.65 27.21 -1.85
CA LYS A 70 -14.85 27.74 -1.22
C LYS A 70 -16.01 26.75 -1.40
N PHE A 71 -17.04 26.91 -0.58
CA PHE A 71 -18.25 26.14 -0.77
C PHE A 71 -19.09 26.73 -1.90
N ARG A 72 -19.95 25.90 -2.49
CA ARG A 72 -20.73 26.28 -3.67
C ARG A 72 -22.21 26.03 -3.39
N PRO A 73 -22.84 26.88 -2.57
CA PRO A 73 -24.24 26.62 -2.18
C PRO A 73 -25.19 26.50 -3.35
N GLY A 74 -24.89 27.12 -4.49
CA GLY A 74 -25.75 26.96 -5.66
C GLY A 74 -25.86 25.52 -6.14
N ARG A 75 -24.81 24.73 -5.97
CA ARG A 75 -24.87 23.34 -6.43
C ARG A 75 -25.80 22.49 -5.58
N VAL A 76 -26.11 22.94 -4.37
CA VAL A 76 -27.11 22.24 -3.56
C VAL A 76 -28.44 22.20 -4.30
N SER A 77 -28.97 23.37 -4.67
CA SER A 77 -30.27 23.40 -5.33
C SER A 77 -30.22 22.71 -6.69
N SER A 78 -29.13 22.89 -7.44
CA SER A 78 -28.95 22.15 -8.69
C SER A 78 -29.07 20.65 -8.46
N GLN A 79 -28.31 20.12 -7.49
CA GLN A 79 -28.44 18.72 -7.12
C GLN A 79 -29.88 18.35 -6.80
N HIS A 80 -30.62 19.27 -6.17
CA HIS A 80 -31.99 18.96 -5.76
C HIS A 80 -32.93 18.87 -6.95
N VAL A 81 -32.93 19.91 -7.80
CA VAL A 81 -33.93 20.01 -8.85
C VAL A 81 -33.77 18.87 -9.84
N ALA A 82 -32.53 18.42 -10.09
CA ALA A 82 -32.32 17.31 -11.02
C ALA A 82 -33.02 16.03 -10.58
N TYR A 83 -33.45 15.92 -9.31
CA TYR A 83 -34.10 14.69 -8.88
C TYR A 83 -35.26 14.95 -7.93
N GLN A 84 -35.86 16.13 -7.98
CA GLN A 84 -36.83 16.54 -6.97
C GLN A 84 -38.09 15.69 -6.98
N PHE A 85 -38.37 14.96 -8.06
CA PHE A 85 -39.56 14.14 -8.14
C PHE A 85 -39.32 12.70 -7.68
N LEU A 86 -38.06 12.36 -7.39
CA LEU A 86 -37.73 11.11 -6.73
C LEU A 86 -37.05 11.33 -5.40
N ASN A 87 -36.44 12.51 -5.19
CA ASN A 87 -35.73 12.91 -3.98
C ASN A 87 -36.38 12.45 -2.68
N GLY A 88 -37.62 12.89 -2.48
CA GLY A 88 -38.22 12.99 -1.17
C GLY A 88 -37.83 14.22 -0.40
N ALA A 89 -37.10 15.14 -1.02
CA ALA A 89 -36.62 16.32 -0.35
C ALA A 89 -37.62 17.45 -0.50
N THR A 90 -37.92 18.14 0.60
CA THR A 90 -38.82 19.28 0.55
C THR A 90 -38.05 20.55 0.27
N ALA A 91 -38.74 21.53 -0.30
CA ALA A 91 -38.07 22.78 -0.66
C ALA A 91 -37.47 23.46 0.55
N ASP A 92 -38.13 23.30 1.72
CA ASP A 92 -37.66 23.99 2.92
C ASP A 92 -36.34 23.42 3.40
N GLU A 93 -36.26 22.09 3.56
CA GLU A 93 -35.02 21.38 3.79
C GLU A 93 -33.87 21.97 2.98
N VAL A 94 -34.04 21.96 1.65
CA VAL A 94 -32.95 22.36 0.76
C VAL A 94 -32.60 23.82 1.00
N ALA A 95 -33.60 24.65 1.31
CA ALA A 95 -33.33 26.06 1.53
C ALA A 95 -32.49 26.27 2.78
N LYS A 96 -32.88 25.64 3.90
CA LYS A 96 -32.11 25.76 5.13
C LYS A 96 -30.74 25.13 4.97
N TYR A 97 -30.66 23.94 4.37
CA TYR A 97 -29.37 23.33 4.07
C TYR A 97 -28.52 24.25 3.21
N LYS A 98 -29.11 24.80 2.14
CA LYS A 98 -28.39 25.69 1.25
C LYS A 98 -27.89 26.91 2.00
N GLY A 99 -28.76 27.53 2.81
CA GLY A 99 -28.37 28.73 3.51
C GLY A 99 -27.31 28.50 4.56
N ALA A 100 -27.37 27.35 5.25
CA ALA A 100 -26.33 26.97 6.20
C ALA A 100 -24.97 26.91 5.51
N ILE A 101 -24.89 26.20 4.39
CA ILE A 101 -23.64 26.05 3.68
C ILE A 101 -23.14 27.40 3.19
N ASP A 102 -24.05 28.24 2.69
CA ASP A 102 -23.70 29.55 2.15
C ASP A 102 -22.95 30.40 3.16
N ALA A 103 -23.05 30.08 4.44
CA ALA A 103 -22.44 30.86 5.51
C ALA A 103 -21.11 30.30 5.98
N LEU A 104 -20.68 29.22 5.37
CA LEU A 104 -19.45 28.52 5.76
C LEU A 104 -18.22 29.16 5.12
N GLU A 105 -17.34 29.69 5.94
CA GLU A 105 -16.03 30.11 5.45
C GLU A 105 -15.00 29.43 6.33
N PRO A 106 -14.52 28.22 6.00
CA PRO A 106 -13.54 27.56 6.82
C PRO A 106 -12.21 28.28 6.98
N ALA A 107 -11.48 27.93 8.01
CA ALA A 107 -10.19 28.60 8.26
C ALA A 107 -9.16 28.23 7.19
N SER A 108 -9.26 27.06 6.58
CA SER A 108 -8.38 26.54 5.52
C SER A 108 -9.04 25.36 4.85
N ASP A 109 -8.38 24.80 3.86
CA ASP A 109 -8.84 23.59 3.19
C ASP A 109 -8.28 22.32 3.84
N SER A 110 -7.70 22.41 5.05
CA SER A 110 -7.24 21.24 5.75
C SER A 110 -8.40 20.35 6.17
N CYS A 111 -8.11 19.06 6.34
CA CYS A 111 -9.12 18.12 6.80
C CYS A 111 -9.78 18.64 8.06
N GLU A 112 -8.97 19.06 9.01
CA GLU A 112 -9.47 19.45 10.32
C GLU A 112 -10.37 20.68 10.21
N ASP A 113 -9.93 21.70 9.48
CA ASP A 113 -10.70 22.93 9.41
C ASP A 113 -12.00 22.72 8.63
N LEU A 114 -11.94 21.97 7.53
CA LEU A 114 -13.16 21.67 6.80
C LEU A 114 -14.14 20.90 7.66
N TYR A 115 -13.65 19.91 8.40
CA TYR A 115 -14.52 19.10 9.23
C TYR A 115 -15.11 19.95 10.35
N MET A 116 -14.26 20.73 11.00
CA MET A 116 -14.70 21.68 12.02
C MET A 116 -15.82 22.57 11.51
N ALA A 117 -15.68 23.09 10.29
CA ALA A 117 -16.64 24.04 9.74
C ALA A 117 -17.97 23.36 9.41
N TYR A 118 -17.91 22.16 8.81
CA TYR A 118 -19.08 21.52 8.21
C TYR A 118 -19.80 20.59 9.17
N PHE A 119 -19.14 20.18 10.26
CA PHE A 119 -19.73 19.20 11.17
C PHE A 119 -21.13 19.56 11.66
N PRO A 120 -21.39 20.81 12.11
CA PRO A 120 -22.76 21.10 12.57
C PRO A 120 -23.78 21.13 11.45
N VAL A 121 -23.39 21.59 10.27
CA VAL A 121 -24.30 21.49 9.12
C VAL A 121 -24.65 20.02 8.85
N HIS A 122 -23.65 19.13 8.92
CA HIS A 122 -23.92 17.72 8.69
C HIS A 122 -24.78 17.12 9.81
N GLU A 123 -24.45 17.41 11.08
CA GLU A 123 -25.26 16.91 12.17
C GLU A 123 -26.71 17.36 12.01
N THR A 124 -26.92 18.56 11.49
CA THR A 124 -28.26 19.10 11.36
C THR A 124 -28.97 18.58 10.11
N PHE A 125 -28.27 18.50 8.98
CA PHE A 125 -28.92 18.29 7.69
C PHE A 125 -28.53 16.98 7.00
N VAL A 126 -27.92 16.04 7.73
CA VAL A 126 -27.39 14.81 7.12
C VAL A 126 -28.44 14.15 6.23
N ASN A 127 -29.69 14.08 6.68
CA ASN A 127 -30.76 13.43 5.91
C ASN A 127 -31.14 14.21 4.67
N VAL A 128 -30.82 15.49 4.62
CA VAL A 128 -31.01 16.23 3.39
C VAL A 128 -29.92 15.87 2.39
N THR A 129 -28.67 15.84 2.86
CA THR A 129 -27.55 15.34 2.04
C THR A 129 -27.86 13.98 1.43
N ARG A 130 -28.33 13.03 2.25
CA ARG A 130 -28.58 11.68 1.76
C ARG A 130 -29.68 11.65 0.69
N LYS A 131 -30.75 12.44 0.87
CA LYS A 131 -31.78 12.55 -0.17
C LYS A 131 -31.23 13.19 -1.43
N LEU A 132 -30.43 14.25 -1.29
CA LEU A 132 -29.95 14.99 -2.45
C LEU A 132 -28.88 14.21 -3.22
N TYR A 133 -27.95 13.58 -2.52
CA TYR A 133 -26.80 12.97 -3.16
C TYR A 133 -26.87 11.46 -3.12
N HIS A 134 -28.08 10.92 -3.12
CA HIS A 134 -28.30 9.49 -3.28
C HIS A 134 -27.55 8.69 -2.21
N GLY A 135 -27.75 9.08 -0.94
CA GLY A 135 -27.10 8.43 0.18
C GLY A 135 -27.99 7.47 0.95
N THR A 136 -29.06 7.02 0.32
CA THR A 136 -29.92 5.97 0.86
C THR A 136 -30.17 4.95 -0.23
N VAL A 137 -30.20 3.67 0.16
CA VAL A 137 -30.38 2.58 -0.80
C VAL A 137 -31.76 2.67 -1.44
N GLU A 138 -32.77 3.09 -0.68
CA GLU A 138 -34.14 3.19 -1.19
C GLU A 138 -34.30 4.40 -2.10
N GLY A 139 -33.82 5.56 -1.65
CA GLY A 139 -33.83 6.73 -2.49
C GLY A 139 -33.10 6.49 -3.78
N ALA A 140 -31.82 6.07 -3.68
CA ALA A 140 -31.00 5.84 -4.87
C ALA A 140 -31.64 4.82 -5.80
N ALA A 141 -32.32 3.81 -5.24
CA ALA A 141 -32.99 2.82 -6.09
C ALA A 141 -34.17 3.43 -6.84
N ARG A 142 -34.86 4.43 -6.26
CA ARG A 142 -35.89 5.15 -7.01
C ARG A 142 -35.29 5.78 -8.25
N VAL A 143 -34.12 6.40 -8.12
CA VAL A 143 -33.48 6.98 -9.29
C VAL A 143 -33.09 5.90 -10.28
N TYR A 144 -32.49 4.82 -9.79
CA TYR A 144 -32.06 3.74 -10.67
C TYR A 144 -33.23 3.21 -11.47
N ASN A 145 -34.40 3.13 -10.85
CA ASN A 145 -35.56 2.57 -11.52
C ASN A 145 -36.16 3.52 -12.52
N SER A 146 -35.90 4.82 -12.38
CA SER A 146 -36.46 5.81 -13.29
C SER A 146 -35.58 6.04 -14.51
N ASP A 147 -34.28 5.82 -14.38
CA ASP A 147 -33.38 5.92 -15.53
C ASP A 147 -32.70 4.58 -15.76
N PRO A 148 -33.23 3.76 -16.69
CA PRO A 148 -32.63 2.45 -16.96
C PRO A 148 -31.30 2.54 -17.70
N ASN A 149 -30.88 3.74 -18.12
CA ASN A 149 -29.57 3.93 -18.71
C ASN A 149 -28.47 4.16 -17.67
N LEU A 150 -28.83 4.35 -16.40
CA LEU A 150 -27.83 4.38 -15.36
C LEU A 150 -27.24 2.99 -15.17
N LYS A 151 -25.94 2.93 -14.95
CA LYS A 151 -25.31 1.65 -14.62
C LYS A 151 -25.73 1.22 -13.22
N ARG A 152 -26.22 -0.02 -13.11
CA ARG A 152 -26.69 -0.54 -11.83
C ARG A 152 -25.51 -0.93 -10.94
N LYS A 153 -25.81 -1.12 -9.66
CA LYS A 153 -24.76 -1.33 -8.67
C LYS A 153 -24.03 -2.65 -8.86
N ASN A 154 -24.71 -3.68 -9.36
CA ASN A 154 -24.09 -5.00 -9.50
C ASN A 154 -23.97 -5.38 -10.97
N GLU A 155 -23.62 -4.41 -11.79
CA GLU A 155 -23.50 -4.58 -13.23
C GLU A 155 -22.09 -4.12 -13.61
N SER A 156 -21.33 -5.02 -14.24
CA SER A 156 -20.03 -4.66 -14.76
C SER A 156 -20.13 -3.44 -15.66
N LEU A 157 -19.26 -2.46 -15.42
CA LEU A 157 -19.09 -1.39 -16.40
C LEU A 157 -18.86 -1.94 -17.79
N PHE A 158 -18.18 -3.10 -17.89
CA PHE A 158 -17.80 -3.58 -19.21
C PHE A 158 -19.03 -4.09 -19.96
N THR A 159 -19.87 -4.89 -19.30
CA THR A 159 -21.06 -5.38 -19.99
C THR A 159 -22.07 -4.26 -20.21
N TYR A 160 -22.10 -3.27 -19.30
CA TYR A 160 -22.91 -2.09 -19.51
C TYR A 160 -22.50 -1.35 -20.79
N CYS A 161 -21.20 -1.10 -20.96
CA CYS A 161 -20.74 -0.43 -22.17
C CYS A 161 -20.99 -1.27 -23.42
N GLU A 162 -20.71 -2.58 -23.37
CA GLU A 162 -20.96 -3.46 -24.51
C GLU A 162 -22.41 -3.35 -24.98
N LYS A 163 -23.34 -3.32 -24.03
CA LYS A 163 -24.75 -3.26 -24.36
C LYS A 163 -25.09 -1.95 -25.08
N HIS A 164 -24.68 -0.83 -24.49
CA HIS A 164 -25.08 0.46 -25.05
C HIS A 164 -24.35 0.78 -26.34
N VAL A 165 -23.14 0.29 -26.52
CA VAL A 165 -22.40 0.60 -27.74
C VAL A 165 -22.74 -0.37 -28.87
N TYR A 166 -22.83 -1.65 -28.55
CA TYR A 166 -23.00 -2.68 -29.61
C TYR A 166 -24.47 -2.90 -29.98
N GLY A 167 -25.40 -2.76 -29.04
CA GLY A 167 -26.81 -3.04 -29.29
C GLY A 167 -26.98 -4.49 -29.62
N ASP A 168 -27.77 -4.83 -30.62
CA ASP A 168 -27.85 -6.27 -30.98
C ASP A 168 -27.03 -6.52 -32.25
N GLN A 169 -26.24 -5.54 -32.65
CA GLN A 169 -25.42 -5.60 -33.88
C GLN A 169 -23.96 -5.94 -33.58
N ASN A 170 -23.25 -6.42 -34.60
CA ASN A 170 -21.81 -6.75 -34.57
C ASN A 170 -21.42 -7.62 -33.38
N ARG A 171 -22.12 -8.71 -33.14
CA ARG A 171 -21.80 -9.60 -32.01
C ARG A 171 -20.39 -10.20 -32.12
N GLU A 172 -19.93 -10.45 -33.34
CA GLU A 172 -18.62 -11.05 -33.53
C GLU A 172 -17.50 -10.05 -33.24
N ASP A 173 -17.67 -8.79 -33.68
CA ASP A 173 -16.67 -7.78 -33.37
C ASP A 173 -16.60 -7.54 -31.87
N MET A 174 -17.75 -7.52 -31.20
CA MET A 174 -17.79 -7.39 -29.74
C MET A 174 -17.03 -8.53 -29.07
N CYS A 175 -17.24 -9.76 -29.52
CA CYS A 175 -16.45 -10.89 -29.04
C CYS A 175 -14.97 -10.67 -29.31
N ARG A 176 -14.62 -10.20 -30.51
CA ARG A 176 -13.23 -9.91 -30.82
C ARG A 176 -12.69 -8.83 -29.88
N GLY A 177 -13.46 -7.77 -29.64
CA GLY A 177 -12.99 -6.72 -28.77
C GLY A 177 -12.75 -7.22 -27.36
N ARG A 178 -13.68 -8.03 -26.84
CA ARG A 178 -13.53 -8.60 -25.50
C ARG A 178 -12.36 -9.59 -25.42
N ARG A 179 -11.97 -10.21 -26.53
CA ARG A 179 -10.78 -11.05 -26.52
C ARG A 179 -9.51 -10.26 -26.78
N TYR A 180 -9.56 -8.94 -26.59
CA TYR A 180 -8.39 -8.06 -26.63
C TYR A 180 -7.79 -7.92 -28.03
N GLU A 181 -8.50 -8.31 -29.09
CA GLU A 181 -8.02 -8.01 -30.43
C GLU A 181 -8.35 -6.57 -30.79
N LEU A 182 -7.42 -5.92 -31.50
CA LEU A 182 -7.56 -4.51 -31.86
C LEU A 182 -8.23 -4.43 -33.23
N THR A 183 -9.55 -4.69 -33.24
CA THR A 183 -10.28 -4.74 -34.50
C THR A 183 -10.34 -3.39 -35.20
N GLY A 184 -10.30 -2.28 -34.46
CA GLY A 184 -10.32 -0.96 -35.06
C GLY A 184 -11.68 -0.45 -35.48
N SER A 185 -12.75 -1.22 -35.24
CA SER A 185 -14.09 -0.79 -35.62
C SER A 185 -14.50 0.45 -34.83
N ASP A 186 -15.42 1.22 -35.41
CA ASP A 186 -16.04 2.34 -34.69
C ASP A 186 -16.57 1.87 -33.34
N GLU A 187 -17.19 0.67 -33.31
CA GLU A 187 -17.82 0.21 -32.08
C GLU A 187 -16.79 -0.05 -30.98
N LEU A 188 -15.75 -0.84 -31.28
CA LEU A 188 -14.73 -1.07 -30.27
C LEU A 188 -14.16 0.24 -29.76
N ARG A 189 -13.92 1.20 -30.65
CA ARG A 189 -13.38 2.49 -30.24
C ARG A 189 -14.31 3.18 -29.25
N ASN A 190 -15.61 3.22 -29.57
CA ASN A 190 -16.57 3.80 -28.64
C ASN A 190 -16.75 2.92 -27.41
N MET A 191 -16.56 1.61 -27.57
CA MET A 191 -16.53 0.72 -26.41
C MET A 191 -15.41 1.08 -25.45
N ILE A 192 -14.20 1.27 -25.99
CA ILE A 192 -13.05 1.63 -25.16
C ILE A 192 -13.27 3.00 -24.52
N GLU A 193 -13.84 3.94 -25.28
CA GLU A 193 -14.13 5.24 -24.70
C GLU A 193 -15.15 5.12 -23.58
N CYS A 194 -16.23 4.37 -23.81
CA CYS A 194 -17.23 4.18 -22.77
C CYS A 194 -16.61 3.60 -21.51
N VAL A 195 -15.74 2.58 -21.67
CA VAL A 195 -15.11 1.96 -20.50
C VAL A 195 -14.17 2.94 -19.83
N PHE A 196 -13.36 3.66 -20.61
CA PHE A 196 -12.38 4.57 -20.01
C PHE A 196 -13.06 5.68 -19.22
N ARG A 197 -14.23 6.14 -19.65
CA ARG A 197 -14.90 7.19 -18.88
C ARG A 197 -15.45 6.64 -17.56
N GLY A 198 -16.08 5.46 -17.60
CA GLY A 198 -16.61 4.88 -16.37
C GLY A 198 -15.53 4.54 -15.36
N LEU A 199 -14.32 4.20 -15.83
CA LEU A 199 -13.24 3.88 -14.91
C LEU A 199 -12.52 5.11 -14.42
N ARG A 200 -12.87 6.29 -14.97
CA ARG A 200 -12.14 7.53 -14.73
C ARG A 200 -10.67 7.41 -15.16
N TYR A 201 -10.41 6.55 -16.16
CA TYR A 201 -9.14 6.58 -16.89
C TYR A 201 -9.02 7.87 -17.68
N ILE A 202 -10.14 8.41 -18.14
CA ILE A 202 -10.20 9.69 -18.82
C ILE A 202 -11.17 10.56 -18.03
N LYS A 203 -10.84 11.82 -17.86
CA LYS A 203 -11.76 12.77 -17.24
C LYS A 203 -11.44 14.17 -17.74
N HIS A 204 -12.49 14.96 -17.92
CA HIS A 204 -12.40 16.26 -18.59
C HIS A 204 -11.74 16.12 -19.96
N GLY A 205 -11.74 14.92 -20.52
CA GLY A 205 -11.17 14.67 -21.83
C GLY A 205 -9.69 14.33 -21.85
N ASP A 206 -9.03 14.34 -20.70
CA ASP A 206 -7.60 14.05 -20.64
C ASP A 206 -7.37 12.71 -19.95
N ILE A 207 -6.33 12.01 -20.38
CA ILE A 207 -6.05 10.73 -19.75
C ILE A 207 -5.57 10.96 -18.32
N ASN A 208 -5.96 10.06 -17.45
CA ASN A 208 -5.64 10.12 -16.03
C ASN A 208 -4.69 8.95 -15.75
N ILE A 209 -3.38 9.20 -15.92
CA ILE A 209 -2.39 8.13 -15.82
C ILE A 209 -2.32 7.56 -14.41
N ASP A 210 -2.57 8.38 -13.39
CA ASP A 210 -2.63 7.88 -12.02
C ASP A 210 -3.66 6.77 -11.87
N GLU A 211 -4.83 6.92 -12.50
CA GLU A 211 -5.89 5.93 -12.33
C GLU A 211 -5.49 4.58 -12.93
N ILE A 212 -4.77 4.59 -14.05
CA ILE A 212 -4.35 3.31 -14.62
C ILE A 212 -3.24 2.68 -13.78
N VAL A 213 -2.25 3.49 -13.32
CA VAL A 213 -1.23 2.95 -12.43
C VAL A 213 -1.86 2.27 -11.23
N ARG A 214 -2.91 2.89 -10.67
CA ARG A 214 -3.62 2.33 -9.52
C ARG A 214 -4.14 0.92 -9.82
N ASP A 215 -4.65 0.68 -11.02
CA ASP A 215 -5.12 -0.66 -11.36
C ASP A 215 -3.97 -1.65 -11.50
N PHE A 216 -2.76 -1.20 -11.86
CA PHE A 216 -1.61 -2.09 -11.80
C PHE A 216 -1.22 -2.35 -10.35
N ASP A 217 -1.28 -1.34 -9.49
CA ASP A 217 -1.00 -1.58 -8.07
C ASP A 217 -1.92 -2.67 -7.53
N HIS A 218 -3.19 -2.63 -7.94
CA HIS A 218 -4.18 -3.56 -7.42
C HIS A 218 -3.89 -5.01 -7.78
N ILE A 219 -3.17 -5.28 -8.86
CA ILE A 219 -2.75 -6.64 -9.18
C ILE A 219 -1.36 -6.94 -8.63
N ASN A 220 -0.87 -6.09 -7.71
CA ASN A 220 0.45 -6.23 -7.08
C ASN A 220 1.59 -6.05 -8.08
N ARG A 221 1.39 -5.23 -9.10
CA ARG A 221 2.45 -4.87 -10.03
C ARG A 221 2.76 -3.39 -9.98
N GLY A 222 2.76 -2.82 -8.76
CA GLY A 222 3.33 -1.49 -8.57
C GLY A 222 4.71 -1.33 -9.17
N ASP A 223 5.49 -2.42 -9.24
CA ASP A 223 6.82 -2.35 -9.85
C ASP A 223 6.79 -1.76 -11.25
N LEU A 224 5.67 -1.95 -11.98
CA LEU A 224 5.55 -1.58 -13.38
C LEU A 224 5.13 -0.13 -13.59
N GLU A 225 4.90 0.64 -12.52
CA GLU A 225 4.46 2.03 -12.67
C GLU A 225 5.28 2.81 -13.69
N PRO A 226 6.62 2.89 -13.60
CA PRO A 226 7.33 3.71 -14.59
C PRO A 226 7.07 3.29 -16.02
N ARG A 227 6.99 1.97 -16.26
CA ARG A 227 6.73 1.49 -17.61
C ARG A 227 5.33 1.88 -18.06
N VAL A 228 4.34 1.76 -17.18
CA VAL A 228 2.98 2.18 -17.51
C VAL A 228 2.95 3.64 -17.92
N ARG A 229 3.54 4.51 -17.09
CA ARG A 229 3.54 5.94 -17.36
C ARG A 229 4.28 6.26 -18.65
N THR A 230 5.39 5.56 -18.92
CA THR A 230 6.14 5.82 -20.15
C THR A 230 5.28 5.47 -21.36
N ILE A 231 4.64 4.31 -21.32
CA ILE A 231 3.88 3.84 -22.47
C ILE A 231 2.76 4.82 -22.78
N LEU A 232 2.04 5.25 -21.74
CA LEU A 232 0.93 6.19 -21.94
C LEU A 232 1.45 7.57 -22.31
N SER A 233 2.47 8.06 -21.61
CA SER A 233 3.01 9.38 -21.93
C SER A 233 3.59 9.44 -23.34
N ASP A 234 3.94 8.30 -23.92
CA ASP A 234 4.50 8.26 -25.27
C ASP A 234 3.47 7.94 -26.35
N CYS A 235 2.25 7.59 -25.97
CA CYS A 235 1.26 7.14 -26.93
C CYS A 235 0.98 8.23 -27.97
N ARG A 236 0.94 7.84 -29.25
CA ARG A 236 0.79 8.79 -30.35
C ARG A 236 -0.66 9.12 -30.70
N GLY A 237 -1.61 8.96 -29.76
CA GLY A 237 -2.96 9.47 -29.92
C GLY A 237 -3.57 9.78 -28.57
N ILE A 238 -4.74 10.42 -28.57
CA ILE A 238 -5.34 10.78 -27.28
C ILE A 238 -6.79 10.35 -27.20
N GLN A 239 -7.24 9.52 -28.12
CA GLN A 239 -8.51 8.89 -27.85
C GLN A 239 -8.29 7.69 -26.93
N PRO A 240 -9.29 7.31 -26.13
CA PRO A 240 -9.13 6.09 -25.30
C PRO A 240 -8.64 4.88 -26.06
N TYR A 241 -9.09 4.67 -27.32
CA TYR A 241 -8.66 3.51 -28.07
C TYR A 241 -7.16 3.53 -28.34
N ASP A 242 -6.58 4.71 -28.50
CA ASP A 242 -5.13 4.83 -28.69
C ASP A 242 -4.34 4.34 -27.47
N TYR A 243 -4.60 4.92 -26.28
CA TYR A 243 -3.91 4.46 -25.07
C TYR A 243 -4.12 2.98 -24.87
N TYR A 244 -5.34 2.51 -25.15
CA TYR A 244 -5.65 1.08 -25.02
C TYR A 244 -4.79 0.25 -25.97
N SER A 245 -4.65 0.70 -27.23
CA SER A 245 -3.79 -0.01 -28.18
C SER A 245 -2.33 0.10 -27.77
N CYS A 246 -1.91 1.24 -27.23
CA CYS A 246 -0.53 1.39 -26.81
C CYS A 246 -0.17 0.40 -25.71
N LEU A 247 -1.10 0.16 -24.78
CA LEU A 247 -0.87 -0.87 -23.78
C LEU A 247 -0.90 -2.26 -24.38
N ILE A 248 -1.87 -2.51 -25.27
CA ILE A 248 -2.04 -3.85 -25.80
C ILE A 248 -0.86 -4.24 -26.68
N ASN A 249 -0.25 -3.27 -27.35
CA ASN A 249 0.91 -3.49 -28.19
C ASN A 249 2.22 -3.29 -27.45
N SER A 250 2.20 -3.21 -26.13
CA SER A 250 3.41 -2.98 -25.37
C SER A 250 3.95 -4.31 -24.83
N ASP A 251 5.07 -4.21 -24.11
CA ASP A 251 5.67 -5.38 -23.50
C ASP A 251 5.00 -5.79 -22.20
N ILE A 252 4.15 -4.94 -21.63
CA ILE A 252 3.41 -5.29 -20.43
C ILE A 252 1.95 -5.66 -20.76
N ARG A 253 1.65 -5.98 -22.02
CA ARG A 253 0.27 -6.17 -22.42
C ARG A 253 -0.43 -7.25 -21.61
N GLU A 254 0.28 -8.30 -21.22
CA GLU A 254 -0.35 -9.37 -20.45
C GLU A 254 -0.68 -8.89 -19.04
N GLU A 255 0.20 -8.09 -18.44
CA GLU A 255 -0.11 -7.58 -17.12
C GLU A 255 -1.25 -6.56 -17.19
N PHE A 256 -1.34 -5.81 -18.28
CA PHE A 256 -2.44 -4.88 -18.45
C PHE A 256 -3.77 -5.61 -18.54
N LYS A 257 -3.82 -6.72 -19.30
CA LYS A 257 -5.04 -7.53 -19.34
C LYS A 257 -5.45 -7.98 -17.95
N LEU A 258 -4.48 -8.45 -17.15
CA LEU A 258 -4.75 -8.82 -15.76
C LEU A 258 -5.32 -7.64 -14.98
N ALA A 259 -4.71 -6.46 -15.13
CA ALA A 259 -5.21 -5.27 -14.45
C ALA A 259 -6.57 -4.88 -14.99
N PHE A 260 -6.76 -4.91 -16.31
CA PHE A 260 -8.05 -4.53 -16.88
C PHE A 260 -9.16 -5.45 -16.41
N ASP A 261 -8.88 -6.76 -16.33
CA ASP A 261 -9.89 -7.75 -15.94
C ASP A 261 -10.22 -7.65 -14.47
N TYR A 262 -9.21 -7.46 -13.62
CA TYR A 262 -9.51 -7.25 -12.21
C TYR A 262 -10.40 -6.02 -12.04
N ARG A 263 -10.10 -4.94 -12.76
CA ARG A 263 -10.88 -3.72 -12.61
C ARG A 263 -12.32 -3.92 -13.10
N ASP A 264 -12.51 -4.76 -14.13
CA ASP A 264 -13.86 -5.11 -14.56
C ASP A 264 -14.64 -5.68 -13.38
N VAL A 265 -14.07 -6.70 -12.72
CA VAL A 265 -14.72 -7.32 -11.58
C VAL A 265 -15.12 -6.26 -10.55
N ARG A 266 -14.16 -5.41 -10.17
CA ARG A 266 -14.43 -4.38 -9.20
C ARG A 266 -15.36 -3.30 -9.76
N SER A 267 -15.48 -3.18 -11.08
CA SER A 267 -16.44 -2.23 -11.63
C SER A 267 -17.87 -2.67 -11.38
N ALA A 268 -18.09 -3.95 -11.07
CA ALA A 268 -19.42 -4.50 -10.80
C ALA A 268 -19.82 -4.42 -9.34
N ASP A 269 -18.93 -3.90 -8.47
CA ASP A 269 -19.22 -3.72 -7.04
C ASP A 269 -18.25 -2.63 -6.54
N TYR A 270 -18.71 -1.40 -6.56
CA TYR A 270 -17.84 -0.28 -6.23
C TYR A 270 -17.30 -0.36 -4.80
N ALA A 271 -17.95 -1.11 -3.92
CA ALA A 271 -17.48 -1.33 -2.56
C ALA A 271 -16.61 -2.58 -2.42
N TYR A 272 -16.21 -3.18 -3.54
CA TYR A 272 -15.38 -4.38 -3.56
C TYR A 272 -14.26 -4.36 -2.53
N ILE A 273 -13.42 -3.32 -2.57
CA ILE A 273 -12.28 -3.24 -1.65
C ILE A 273 -12.76 -2.89 -0.25
N VAL A 274 -13.64 -1.91 -0.13
CA VAL A 274 -14.17 -1.51 1.18
C VAL A 274 -14.68 -2.71 1.97
N LYS A 275 -15.41 -3.61 1.32
CA LYS A 275 -15.93 -4.82 1.98
C LYS A 275 -14.83 -5.74 2.50
N GLY A 276 -13.62 -5.66 1.96
CA GLY A 276 -12.54 -6.53 2.39
C GLY A 276 -12.07 -7.56 1.37
N ASN A 277 -12.58 -7.52 0.15
CA ASN A 277 -12.11 -8.44 -0.88
C ASN A 277 -10.66 -8.16 -1.26
N THR A 278 -9.96 -9.22 -1.65
CA THR A 278 -8.57 -9.18 -2.06
C THR A 278 -8.43 -9.77 -3.46
N TYR A 279 -7.26 -9.57 -4.03
CA TYR A 279 -6.98 -10.04 -5.41
C TYR A 279 -6.81 -11.54 -5.53
N ASP A 280 -7.62 -12.14 -6.37
CA ASP A 280 -7.49 -13.55 -6.72
C ASP A 280 -7.51 -13.66 -8.24
N ALA A 281 -6.34 -13.80 -8.86
CA ALA A 281 -6.28 -13.82 -10.32
C ALA A 281 -7.02 -15.00 -10.91
N GLN A 282 -7.12 -16.11 -10.18
CA GLN A 282 -7.82 -17.28 -10.70
C GLN A 282 -9.32 -17.02 -10.80
N LYS A 283 -9.91 -16.48 -9.74
CA LYS A 283 -11.34 -16.17 -9.80
C LYS A 283 -11.63 -15.08 -10.81
N VAL A 284 -10.72 -14.11 -10.97
CA VAL A 284 -10.91 -13.08 -11.98
C VAL A 284 -11.02 -13.71 -13.37
N ILE A 285 -10.08 -14.61 -13.70
CA ILE A 285 -10.07 -15.24 -15.02
C ILE A 285 -11.34 -16.06 -15.20
N ALA A 286 -11.74 -16.80 -14.18
CA ALA A 286 -12.93 -17.61 -14.26
C ALA A 286 -14.13 -16.76 -14.66
N GLU A 287 -14.32 -15.63 -14.01
CA GLU A 287 -15.43 -14.76 -14.36
C GLU A 287 -15.29 -14.24 -15.79
N MET A 288 -14.09 -13.81 -16.17
CA MET A 288 -13.88 -13.32 -17.52
C MET A 288 -14.17 -14.39 -18.57
N ASN A 289 -13.72 -15.63 -18.33
CA ASN A 289 -13.99 -16.70 -19.28
C ASN A 289 -15.48 -16.96 -19.41
N LYS A 290 -16.20 -16.94 -18.28
CA LYS A 290 -17.64 -17.19 -18.30
C LYS A 290 -18.36 -16.20 -19.22
N VAL A 291 -18.20 -14.90 -18.95
CA VAL A 291 -18.88 -13.92 -19.80
C VAL A 291 -18.28 -13.93 -21.21
N GLU A 292 -16.98 -14.20 -21.34
CA GLU A 292 -16.42 -14.44 -22.67
C GLU A 292 -17.18 -15.54 -23.40
N LYS A 293 -17.46 -16.65 -22.71
CA LYS A 293 -18.20 -17.74 -23.34
C LYS A 293 -19.58 -17.28 -23.79
N HIS A 294 -20.31 -16.53 -22.96
CA HIS A 294 -21.64 -16.00 -23.35
C HIS A 294 -21.58 -15.07 -24.56
N VAL A 295 -20.72 -14.08 -24.55
CA VAL A 295 -20.67 -13.06 -25.63
C VAL A 295 -20.34 -13.74 -26.96
N CYS A 296 -19.35 -14.63 -26.95
CA CYS A 296 -18.91 -15.33 -28.18
C CYS A 296 -19.65 -16.65 -28.22
N GLY A 297 -19.04 -17.66 -28.81
CA GLY A 297 -19.67 -18.99 -28.75
C GLY A 297 -19.45 -19.63 -27.39
N ARG B 3 37.28 -5.58 5.35
CA ARG B 3 36.77 -6.58 4.41
C ARG B 3 35.33 -6.95 4.75
N TRP B 4 34.71 -7.77 3.89
CA TRP B 4 33.31 -8.09 4.05
C TRP B 4 33.09 -8.94 5.31
N THR B 5 32.15 -8.52 6.15
CA THR B 5 31.88 -9.20 7.41
C THR B 5 30.69 -10.15 7.25
N ALA B 6 30.84 -11.35 7.79
CA ALA B 6 29.75 -12.31 7.72
C ALA B 6 28.51 -11.76 8.43
N LEU B 7 27.36 -12.13 7.91
CA LEU B 7 26.10 -11.64 8.46
C LEU B 7 25.70 -12.47 9.67
N THR B 8 25.10 -11.81 10.65
CA THR B 8 24.65 -12.45 11.86
C THR B 8 23.26 -13.04 11.65
N PRO B 9 22.83 -13.95 12.52
CA PRO B 9 21.44 -14.42 12.42
C PRO B 9 20.43 -13.30 12.48
N GLU B 10 20.67 -12.28 13.30
CA GLU B 10 19.78 -11.14 13.30
C GLU B 10 19.81 -10.45 11.96
N GLU B 11 21.00 -10.30 11.36
CA GLU B 11 21.06 -9.62 10.07
C GLU B 11 20.35 -10.42 8.98
N THR B 12 20.56 -11.75 8.94
CA THR B 12 19.93 -12.52 7.88
C THR B 12 18.43 -12.64 8.13
N LEU B 13 18.02 -12.82 9.38
CA LEU B 13 16.58 -12.82 9.69
C LEU B 13 15.92 -11.53 9.23
N PHE B 14 16.59 -10.39 9.40
CA PHE B 14 16.07 -9.13 8.87
C PHE B 14 15.88 -9.21 7.35
N ILE B 15 16.87 -9.78 6.65
CA ILE B 15 16.81 -9.89 5.19
C ILE B 15 15.62 -10.76 4.77
N TYR B 16 15.43 -11.89 5.44
CA TYR B 16 14.40 -12.82 5.01
C TYR B 16 13.01 -12.18 5.15
N THR B 17 12.72 -11.63 6.32
CA THR B 17 11.39 -11.08 6.56
C THR B 17 11.18 -9.76 5.82
N ARG B 18 12.22 -8.95 5.64
CA ARG B 18 11.96 -7.70 4.91
C ARG B 18 11.71 -7.98 3.43
N CYS B 19 12.41 -8.96 2.87
CA CYS B 19 12.15 -9.37 1.50
C CYS B 19 10.76 -9.97 1.37
N GLN B 20 10.32 -10.71 2.39
CA GLN B 20 8.95 -11.19 2.39
C GLN B 20 7.95 -10.02 2.41
N GLU B 21 8.19 -9.01 3.25
CA GLU B 21 7.30 -7.85 3.25
C GLU B 21 7.32 -7.14 1.90
N GLU B 22 8.50 -7.02 1.28
CA GLU B 22 8.60 -6.36 -0.02
C GLU B 22 7.84 -7.10 -1.12
N HIS B 23 7.75 -8.43 -1.04
CA HIS B 23 7.33 -9.20 -2.20
C HIS B 23 6.11 -10.11 -1.98
N LEU B 24 5.71 -10.37 -0.75
CA LEU B 24 4.49 -11.13 -0.56
C LEU B 24 3.32 -10.33 -1.13
N PRO B 25 2.46 -10.96 -1.93
CA PRO B 25 1.29 -10.24 -2.48
C PRO B 25 0.36 -9.80 -1.37
N ALA B 26 0.17 -8.49 -1.27
CA ALA B 26 -0.61 -7.86 -0.20
C ALA B 26 -2.01 -8.42 -0.04
N ASP B 27 -2.20 -9.30 0.94
CA ASP B 27 -3.52 -9.84 1.27
C ASP B 27 -3.98 -10.89 0.28
N ASN B 28 -3.74 -10.60 -1.01
CA ASN B 28 -4.01 -11.37 -2.26
C ASN B 28 -4.00 -12.88 -2.02
N ASN B 29 -5.04 -13.59 -2.49
CA ASN B 29 -5.25 -15.04 -2.25
C ASN B 29 -4.01 -15.93 -2.49
N SER B 30 -3.07 -15.51 -3.32
CA SER B 30 -1.83 -16.29 -3.59
C SER B 30 -0.77 -16.19 -2.47
N ARG B 31 -0.88 -15.23 -1.56
CA ARG B 31 0.13 -14.98 -0.48
C ARG B 31 0.57 -16.22 0.29
N LYS B 32 -0.38 -17.06 0.67
CA LYS B 32 0.00 -18.20 1.53
C LYS B 32 0.86 -19.20 0.76
N THR B 33 0.56 -19.44 -0.51
CA THR B 33 1.37 -20.36 -1.35
C THR B 33 2.81 -19.90 -1.24
N TYR B 34 3.04 -18.59 -1.34
CA TYR B 34 4.43 -18.16 -1.30
C TYR B 34 5.04 -18.33 0.08
N ILE B 35 4.23 -18.23 1.14
CA ILE B 35 4.75 -18.42 2.48
C ILE B 35 5.04 -19.89 2.73
N GLU B 36 4.17 -20.78 2.27
CA GLU B 36 4.35 -22.20 2.56
C GLU B 36 5.54 -22.76 1.80
N ASN B 37 5.80 -22.24 0.61
CA ASN B 37 6.97 -22.68 -0.13
C ASN B 37 8.24 -22.03 0.40
N TRP B 38 8.26 -20.70 0.51
CA TRP B 38 9.49 -20.00 0.89
C TRP B 38 9.98 -20.43 2.27
N HIS B 39 9.07 -20.75 3.18
CA HIS B 39 9.49 -21.24 4.49
C HIS B 39 10.13 -22.61 4.37
N GLN B 40 9.74 -23.40 3.37
CA GLN B 40 10.43 -24.64 3.04
C GLN B 40 11.69 -24.41 2.23
N TRP B 41 12.03 -23.15 1.92
CA TRP B 41 13.14 -22.79 1.03
C TRP B 41 12.93 -23.37 -0.37
N LYS B 42 11.66 -23.53 -0.73
CA LYS B 42 11.27 -23.98 -2.06
C LYS B 42 11.00 -22.75 -2.90
N LEU B 43 11.90 -22.46 -3.84
CA LEU B 43 11.73 -21.30 -4.72
C LEU B 43 10.66 -21.60 -5.78
N GLN B 44 9.43 -21.77 -5.31
CA GLN B 44 8.29 -22.11 -6.15
C GLN B 44 7.10 -21.27 -5.74
N PRO B 45 6.15 -21.02 -6.67
CA PRO B 45 6.21 -21.37 -8.10
C PRO B 45 7.16 -20.47 -8.85
N ASN B 46 7.59 -20.85 -10.05
CA ASN B 46 8.48 -20.03 -10.87
C ASN B 46 7.67 -18.91 -11.51
N ASP B 47 7.46 -17.82 -10.77
CA ASP B 47 6.77 -16.65 -11.32
C ASP B 47 7.47 -15.38 -10.87
N HIS B 48 6.85 -14.23 -11.18
CA HIS B 48 7.48 -12.94 -10.93
C HIS B 48 7.71 -12.70 -9.45
N VAL B 49 6.75 -13.10 -8.62
CA VAL B 49 6.85 -12.92 -7.17
C VAL B 49 8.05 -13.71 -6.63
N THR B 50 8.06 -15.02 -6.87
CA THR B 50 9.18 -15.86 -6.42
C THR B 50 10.50 -15.32 -6.93
N GLN B 51 10.56 -14.97 -8.22
CA GLN B 51 11.82 -14.54 -8.82
C GLN B 51 12.37 -13.29 -8.14
N CYS B 52 11.55 -12.25 -7.97
CA CYS B 52 12.02 -11.04 -7.32
C CYS B 52 12.34 -11.29 -5.85
N TYR B 53 11.63 -12.22 -5.22
CA TYR B 53 11.98 -12.62 -3.86
C TYR B 53 13.40 -13.20 -3.80
N THR B 54 13.78 -14.05 -4.74
CA THR B 54 15.12 -14.59 -4.65
C THR B 54 16.17 -13.55 -5.04
N LYS B 55 15.83 -12.63 -5.97
CA LYS B 55 16.70 -11.49 -6.19
C LYS B 55 16.85 -10.64 -4.94
N CYS B 56 15.79 -10.56 -4.13
CA CYS B 56 15.84 -9.76 -2.92
C CYS B 56 16.77 -10.38 -1.89
N VAL B 57 16.53 -11.64 -1.56
CA VAL B 57 17.38 -12.35 -0.61
C VAL B 57 18.82 -12.38 -1.10
N LEU B 58 19.02 -12.67 -2.38
CA LEU B 58 20.40 -12.79 -2.87
C LEU B 58 21.16 -11.49 -2.67
N GLU B 59 20.49 -10.34 -2.84
CA GLU B 59 21.17 -9.08 -2.57
C GLU B 59 21.24 -8.80 -1.08
N GLY B 60 20.22 -9.21 -0.33
CA GLY B 60 20.26 -9.04 1.11
C GLY B 60 21.42 -9.78 1.74
N LEU B 61 21.60 -11.05 1.38
CA LEU B 61 22.74 -11.79 1.90
C LEU B 61 24.06 -11.28 1.33
N GLU B 62 24.01 -10.32 0.39
CA GLU B 62 25.19 -9.76 -0.26
C GLU B 62 25.99 -10.84 -0.98
N LEU B 63 25.27 -11.88 -1.38
CA LEU B 63 25.76 -12.94 -2.26
C LEU B 63 25.86 -12.44 -3.70
N TYR B 64 24.83 -11.75 -4.17
CA TYR B 64 24.91 -10.98 -5.40
C TYR B 64 25.07 -9.51 -5.01
N ASP B 65 26.09 -8.84 -5.55
CA ASP B 65 26.37 -7.41 -5.28
C ASP B 65 25.69 -6.61 -6.38
N GLY B 66 24.74 -5.75 -6.00
CA GLY B 66 23.97 -4.97 -6.98
C GLY B 66 24.72 -3.81 -7.60
N LYS B 67 25.62 -3.19 -6.85
CA LYS B 67 26.46 -2.12 -7.44
C LYS B 67 27.37 -2.72 -8.50
N GLN B 68 28.17 -3.72 -8.14
CA GLN B 68 29.16 -4.31 -9.07
C GLN B 68 28.47 -5.27 -10.04
N LYS B 69 27.20 -5.53 -9.80
CA LYS B 69 26.40 -6.36 -10.72
C LYS B 69 27.01 -7.77 -10.88
N LYS B 70 27.56 -8.35 -9.80
CA LYS B 70 28.10 -9.68 -9.93
C LYS B 70 27.94 -10.48 -8.64
N PHE B 71 28.01 -11.79 -8.77
CA PHE B 71 28.07 -12.64 -7.60
C PHE B 71 29.42 -12.51 -6.93
N ARG B 72 29.47 -12.77 -5.62
CA ARG B 72 30.67 -12.54 -4.81
C ARG B 72 31.04 -13.84 -4.10
N PRO B 73 31.65 -14.79 -4.82
CA PRO B 73 31.86 -16.13 -4.25
C PRO B 73 32.74 -16.15 -3.02
N GLY B 74 33.69 -15.22 -2.91
CA GLY B 74 34.50 -15.15 -1.71
C GLY B 74 33.71 -14.89 -0.44
N ARG B 75 32.54 -14.25 -0.55
CA ARG B 75 31.76 -13.99 0.64
C ARG B 75 31.12 -15.26 1.19
N VAL B 76 31.05 -16.31 0.37
CA VAL B 76 30.58 -17.61 0.86
C VAL B 76 31.49 -18.13 1.97
N SER B 77 32.80 -18.19 1.70
CA SER B 77 33.72 -18.75 2.69
C SER B 77 33.85 -17.87 3.92
N SER B 78 33.84 -16.55 3.74
CA SER B 78 33.77 -15.64 4.88
C SER B 78 32.57 -15.96 5.76
N GLN B 79 31.40 -16.09 5.13
CA GLN B 79 30.19 -16.42 5.87
C GLN B 79 30.35 -17.73 6.63
N HIS B 80 31.05 -18.70 6.04
CA HIS B 80 31.25 -19.99 6.67
C HIS B 80 32.23 -19.89 7.83
N VAL B 81 33.37 -19.25 7.60
CA VAL B 81 34.46 -19.30 8.58
C VAL B 81 34.00 -18.67 9.89
N ALA B 82 33.24 -17.58 9.79
CA ALA B 82 32.76 -16.87 10.97
C ALA B 82 31.89 -17.75 11.87
N TYR B 83 31.35 -18.87 11.36
CA TYR B 83 30.49 -19.71 12.18
C TYR B 83 30.78 -21.19 11.97
N GLN B 84 32.00 -21.54 11.56
CA GLN B 84 32.31 -22.90 11.18
C GLN B 84 32.17 -23.89 12.34
N PHE B 85 32.24 -23.44 13.59
CA PHE B 85 32.12 -24.33 14.73
C PHE B 85 30.70 -24.45 15.27
N LEU B 86 29.74 -23.83 14.59
CA LEU B 86 28.31 -23.93 14.97
C LEU B 86 27.49 -24.24 13.70
N ASN B 87 28.00 -23.89 12.51
CA ASN B 87 27.32 -24.03 11.20
C ASN B 87 26.81 -25.44 10.92
N GLY B 88 27.63 -26.46 11.16
CA GLY B 88 27.29 -27.84 10.78
C GLY B 88 27.75 -28.04 9.37
N ALA B 89 28.43 -27.05 8.85
CA ALA B 89 28.84 -27.07 7.44
C ALA B 89 30.20 -27.70 7.25
N THR B 90 30.30 -28.57 6.27
CA THR B 90 31.56 -29.18 5.91
C THR B 90 32.29 -28.32 4.88
N ALA B 91 33.62 -28.40 4.91
CA ALA B 91 34.42 -27.64 3.96
C ALA B 91 34.08 -27.99 2.52
N ASP B 92 33.76 -29.26 2.27
CA ASP B 92 33.52 -29.72 0.90
C ASP B 92 32.20 -29.17 0.36
N GLU B 93 31.15 -29.22 1.18
CA GLU B 93 29.91 -28.50 0.90
C GLU B 93 30.18 -27.07 0.43
N VAL B 94 30.90 -26.31 1.25
CA VAL B 94 31.14 -24.90 0.98
C VAL B 94 31.97 -24.75 -0.29
N ALA B 95 32.95 -25.63 -0.47
CA ALA B 95 33.80 -25.56 -1.65
C ALA B 95 32.99 -25.76 -2.93
N LYS B 96 32.12 -26.78 -2.95
CA LYS B 96 31.29 -27.01 -4.13
C LYS B 96 30.26 -25.89 -4.32
N TYR B 97 29.64 -25.45 -3.22
CA TYR B 97 28.73 -24.30 -3.28
C TYR B 97 29.43 -23.07 -3.82
N LYS B 98 30.63 -22.79 -3.30
CA LYS B 98 31.39 -21.63 -3.72
C LYS B 98 31.74 -21.71 -5.21
N GLY B 99 32.22 -22.87 -5.65
CA GLY B 99 32.63 -23.00 -7.04
C GLY B 99 31.47 -22.88 -8.01
N ALA B 100 30.32 -23.47 -7.68
CA ALA B 100 29.12 -23.28 -8.49
C ALA B 100 28.80 -21.80 -8.66
N ILE B 101 28.80 -21.06 -7.56
CA ILE B 101 28.48 -19.64 -7.59
C ILE B 101 29.49 -18.87 -8.44
N ASP B 102 30.78 -19.16 -8.24
CA ASP B 102 31.87 -18.52 -8.99
C ASP B 102 31.68 -18.66 -10.50
N ALA B 103 30.89 -19.64 -10.95
CA ALA B 103 30.66 -19.88 -12.37
C ALA B 103 29.48 -19.11 -12.93
N LEU B 104 28.77 -18.40 -12.06
CA LEU B 104 27.57 -17.67 -12.49
C LEU B 104 27.89 -16.28 -13.03
N GLU B 105 27.41 -16.08 -14.25
CA GLU B 105 27.38 -14.79 -14.95
C GLU B 105 25.98 -14.70 -15.55
N PRO B 106 25.00 -14.21 -14.77
CA PRO B 106 23.66 -14.07 -15.25
C PRO B 106 23.51 -13.11 -16.43
N ALA B 107 22.45 -13.29 -17.16
CA ALA B 107 22.26 -12.44 -18.34
C ALA B 107 22.02 -10.96 -17.98
N SER B 108 21.46 -10.63 -16.82
CA SER B 108 21.18 -9.24 -16.38
C SER B 108 20.81 -9.13 -14.90
N ASP B 109 20.45 -7.93 -14.45
CA ASP B 109 19.98 -7.61 -13.11
C ASP B 109 18.63 -8.22 -12.78
N SER B 110 17.82 -8.50 -13.81
CA SER B 110 16.40 -8.72 -13.63
C SER B 110 16.13 -9.86 -12.67
N CYS B 111 14.95 -9.79 -12.05
CA CYS B 111 14.50 -10.89 -11.21
C CYS B 111 14.59 -12.20 -11.97
N GLU B 112 14.08 -12.19 -13.21
CA GLU B 112 13.96 -13.43 -13.97
C GLU B 112 15.34 -13.98 -14.28
N ASP B 113 16.31 -13.11 -14.58
CA ASP B 113 17.61 -13.58 -15.00
C ASP B 113 18.41 -14.12 -13.82
N LEU B 114 18.43 -13.40 -12.71
CA LEU B 114 19.12 -13.92 -11.53
C LEU B 114 18.50 -15.23 -11.07
N TYR B 115 17.17 -15.34 -11.14
CA TYR B 115 16.54 -16.58 -10.71
C TYR B 115 16.89 -17.71 -11.66
N MET B 116 16.83 -17.44 -12.96
CA MET B 116 17.20 -18.45 -13.95
C MET B 116 18.62 -18.97 -13.70
N ALA B 117 19.54 -18.06 -13.39
CA ALA B 117 20.94 -18.44 -13.20
C ALA B 117 21.11 -19.22 -11.91
N TYR B 118 20.52 -18.73 -10.81
CA TYR B 118 20.80 -19.24 -9.48
C TYR B 118 19.96 -20.46 -9.12
N PHE B 119 18.81 -20.65 -9.75
CA PHE B 119 17.90 -21.72 -9.37
C PHE B 119 18.58 -23.08 -9.22
N PRO B 120 19.39 -23.59 -10.20
CA PRO B 120 20.02 -24.90 -10.11
C PRO B 120 21.00 -25.02 -8.94
N VAL B 121 21.71 -23.96 -8.64
CA VAL B 121 22.61 -23.93 -7.46
C VAL B 121 21.77 -24.01 -6.17
N HIS B 122 20.64 -23.31 -6.12
CA HIS B 122 19.76 -23.39 -4.93
C HIS B 122 19.26 -24.82 -4.77
N GLU B 123 18.82 -25.45 -5.85
CA GLU B 123 18.22 -26.80 -5.75
C GLU B 123 19.27 -27.80 -5.28
N THR B 124 20.51 -27.56 -5.65
CA THR B 124 21.58 -28.48 -5.28
C THR B 124 22.17 -28.08 -3.92
N PHE B 125 22.24 -26.78 -3.62
CA PHE B 125 23.00 -26.40 -2.44
C PHE B 125 22.18 -25.70 -1.36
N VAL B 126 20.84 -25.74 -1.45
CA VAL B 126 19.98 -25.02 -0.50
C VAL B 126 20.36 -25.31 0.95
N ASN B 127 20.64 -26.58 1.27
CA ASN B 127 20.99 -26.92 2.64
C ASN B 127 22.31 -26.31 3.08
N VAL B 128 23.24 -26.12 2.15
CA VAL B 128 24.46 -25.40 2.49
C VAL B 128 24.12 -23.94 2.77
N THR B 129 23.27 -23.34 1.96
CA THR B 129 22.82 -21.97 2.21
C THR B 129 22.26 -21.83 3.62
N ARG B 130 21.30 -22.68 3.97
CA ARG B 130 20.66 -22.58 5.28
C ARG B 130 21.67 -22.74 6.41
N LYS B 131 22.67 -23.61 6.23
CA LYS B 131 23.70 -23.72 7.26
C LYS B 131 24.52 -22.45 7.33
N LEU B 132 24.86 -21.86 6.18
CA LEU B 132 25.78 -20.74 6.18
C LEU B 132 25.12 -19.46 6.66
N TYR B 133 23.87 -19.23 6.25
CA TYR B 133 23.20 -17.96 6.49
C TYR B 133 22.08 -18.09 7.50
N HIS B 134 22.19 -19.06 8.41
CA HIS B 134 21.30 -19.18 9.56
C HIS B 134 19.85 -19.35 9.12
N GLY B 135 19.61 -20.35 8.26
CA GLY B 135 18.30 -20.56 7.70
C GLY B 135 17.55 -21.74 8.29
N THR B 136 18.03 -22.20 9.42
CA THR B 136 17.36 -23.23 10.21
C THR B 136 17.21 -22.70 11.63
N VAL B 137 16.10 -23.09 12.26
CA VAL B 137 15.83 -22.64 13.62
C VAL B 137 16.88 -23.18 14.58
N GLU B 138 17.21 -24.47 14.44
CA GLU B 138 18.18 -25.08 15.34
C GLU B 138 19.57 -24.50 15.11
N GLY B 139 19.98 -24.40 13.84
CA GLY B 139 21.27 -23.81 13.53
C GLY B 139 21.38 -22.39 14.05
N ALA B 140 20.43 -21.54 13.65
CA ALA B 140 20.41 -20.16 14.14
C ALA B 140 20.45 -20.11 15.66
N ALA B 141 19.67 -20.97 16.33
CA ALA B 141 19.64 -20.96 17.79
C ALA B 141 21.03 -21.28 18.37
N ARG B 142 21.78 -22.17 17.70
CA ARG B 142 23.14 -22.45 18.13
C ARG B 142 23.97 -21.18 18.21
N VAL B 143 23.83 -20.30 17.22
CA VAL B 143 24.60 -19.06 17.22
C VAL B 143 24.06 -18.10 18.26
N TYR B 144 22.73 -18.05 18.43
CA TYR B 144 22.15 -17.19 19.44
C TYR B 144 22.67 -17.58 20.82
N ASN B 145 22.75 -18.87 21.11
CA ASN B 145 23.27 -19.34 22.38
C ASN B 145 24.76 -19.16 22.51
N SER B 146 25.50 -19.01 21.41
CA SER B 146 26.94 -18.82 21.55
C SER B 146 27.29 -17.37 21.80
N ASP B 147 26.46 -16.44 21.34
CA ASP B 147 26.71 -15.01 21.54
C ASP B 147 25.53 -14.38 22.25
N PRO B 148 25.62 -14.17 23.58
CA PRO B 148 24.55 -13.48 24.31
C PRO B 148 24.44 -12.00 23.95
N ASN B 149 25.37 -11.46 23.16
CA ASN B 149 25.28 -10.08 22.72
C ASN B 149 24.40 -9.90 21.48
N LEU B 150 23.98 -10.99 20.85
CA LEU B 150 23.04 -10.88 19.74
C LEU B 150 21.66 -10.55 20.26
N LYS B 151 20.91 -9.80 19.46
CA LYS B 151 19.52 -9.55 19.81
C LYS B 151 18.71 -10.81 19.56
N ARG B 152 17.96 -11.24 20.58
CA ARG B 152 17.12 -12.42 20.45
C ARG B 152 15.94 -12.12 19.52
N LYS B 153 15.27 -13.18 19.09
CA LYS B 153 14.19 -12.99 18.13
C LYS B 153 12.94 -12.42 18.76
N ASN B 154 12.70 -12.73 20.03
CA ASN B 154 11.55 -12.23 20.76
C ASN B 154 11.88 -11.01 21.63
N GLU B 155 12.96 -10.30 21.29
CA GLU B 155 13.46 -9.19 22.10
C GLU B 155 13.27 -7.88 21.34
N SER B 156 12.81 -6.84 22.04
CA SER B 156 12.69 -5.52 21.44
C SER B 156 14.06 -4.93 21.19
N LEU B 157 14.26 -4.38 19.99
CA LEU B 157 15.46 -3.60 19.72
C LEU B 157 15.66 -2.51 20.77
N PHE B 158 14.56 -1.95 21.30
CA PHE B 158 14.63 -0.82 22.20
C PHE B 158 15.14 -1.25 23.59
N THR B 159 14.53 -2.30 24.16
CA THR B 159 15.01 -2.76 25.45
C THR B 159 16.41 -3.33 25.34
N TYR B 160 16.71 -4.01 24.22
CA TYR B 160 18.06 -4.45 23.93
C TYR B 160 19.04 -3.29 23.99
N CYS B 161 18.77 -2.23 23.22
CA CYS B 161 19.67 -1.08 23.22
C CYS B 161 19.80 -0.49 24.62
N GLU B 162 18.68 -0.32 25.34
CA GLU B 162 18.71 0.23 26.71
C GLU B 162 19.65 -0.58 27.59
N LYS B 163 19.58 -1.90 27.52
CA LYS B 163 20.48 -2.74 28.29
C LYS B 163 21.93 -2.42 27.98
N HIS B 164 22.32 -2.53 26.71
CA HIS B 164 23.74 -2.43 26.37
C HIS B 164 24.26 -1.01 26.44
N VAL B 165 23.40 0.00 26.46
CA VAL B 165 23.84 1.38 26.53
C VAL B 165 23.86 1.90 27.95
N TYR B 166 22.82 1.61 28.71
CA TYR B 166 22.70 2.19 30.06
C TYR B 166 23.34 1.30 31.10
N GLY B 167 23.48 0.02 30.81
CA GLY B 167 24.01 -0.90 31.81
C GLY B 167 23.13 -0.85 33.04
N ASP B 168 23.72 -0.65 34.21
CA ASP B 168 22.93 -0.56 35.45
C ASP B 168 22.97 0.87 35.99
N GLN B 169 23.33 1.80 35.12
CA GLN B 169 23.51 3.20 35.53
C GLN B 169 22.47 4.12 34.87
N ASN B 170 22.26 5.27 35.47
CA ASN B 170 21.36 6.30 34.93
C ASN B 170 19.96 5.76 34.67
N ARG B 171 19.36 5.06 35.62
CA ARG B 171 17.98 4.56 35.37
C ARG B 171 17.01 5.72 35.17
N GLU B 172 17.14 6.78 35.95
CA GLU B 172 16.28 7.94 35.80
C GLU B 172 16.38 8.52 34.40
N ASP B 173 17.61 8.69 33.90
CA ASP B 173 17.79 9.23 32.56
C ASP B 173 17.22 8.31 31.50
N MET B 174 17.48 7.00 31.63
CA MET B 174 16.88 6.02 30.74
C MET B 174 15.36 6.17 30.70
N CYS B 175 14.74 6.26 31.87
CA CYS B 175 13.30 6.52 31.94
C CYS B 175 12.92 7.78 31.15
N ARG B 176 13.66 8.87 31.39
CA ARG B 176 13.34 10.13 30.70
C ARG B 176 13.46 9.97 29.19
N GLY B 177 14.49 9.24 28.74
CA GLY B 177 14.67 9.03 27.31
C GLY B 177 13.54 8.23 26.69
N ARG B 178 13.12 7.16 27.36
CA ARG B 178 11.96 6.38 26.92
C ARG B 178 10.68 7.21 26.94
N ARG B 179 10.58 8.23 27.78
CA ARG B 179 9.40 9.13 27.85
C ARG B 179 9.54 10.24 26.83
N TYR B 180 10.53 10.15 25.97
CA TYR B 180 10.69 11.04 24.82
C TYR B 180 11.23 12.42 25.19
N GLU B 181 11.79 12.60 26.39
CA GLU B 181 12.41 13.87 26.72
C GLU B 181 13.84 13.91 26.19
N LEU B 182 14.23 15.07 25.66
CA LEU B 182 15.53 15.22 25.02
C LEU B 182 16.55 15.60 26.08
N THR B 183 16.96 14.59 26.86
CA THR B 183 17.85 14.84 27.99
C THR B 183 19.23 15.30 27.53
N GLY B 184 19.70 14.83 26.38
CA GLY B 184 20.98 15.26 25.86
C GLY B 184 22.17 14.49 26.38
N SER B 185 21.97 13.49 27.23
CA SER B 185 23.06 12.75 27.85
C SER B 185 23.82 11.93 26.81
N ASP B 186 25.06 11.57 27.16
CA ASP B 186 25.84 10.68 26.31
C ASP B 186 25.09 9.37 26.06
N GLU B 187 24.44 8.85 27.10
CA GLU B 187 23.74 7.57 26.99
C GLU B 187 22.57 7.66 26.01
N LEU B 188 21.69 8.64 26.20
CA LEU B 188 20.57 8.77 25.27
C LEU B 188 21.05 8.93 23.84
N ARG B 189 22.05 9.77 23.61
CA ARG B 189 22.61 9.90 22.27
C ARG B 189 23.01 8.54 21.73
N ASN B 190 23.78 7.78 22.52
CA ASN B 190 24.19 6.44 22.12
C ASN B 190 23.01 5.48 22.06
N MET B 191 21.97 5.72 22.87
CA MET B 191 20.75 4.93 22.77
C MET B 191 20.07 5.16 21.42
N ILE B 192 19.85 6.42 21.06
CA ILE B 192 19.26 6.74 19.77
C ILE B 192 20.08 6.15 18.64
N GLU B 193 21.40 6.22 18.75
CA GLU B 193 22.25 5.69 17.70
C GLU B 193 22.16 4.18 17.62
N CYS B 194 22.16 3.50 18.78
CA CYS B 194 21.95 2.06 18.82
C CYS B 194 20.65 1.69 18.14
N VAL B 195 19.57 2.40 18.47
CA VAL B 195 18.25 2.11 17.90
C VAL B 195 18.23 2.41 16.41
N PHE B 196 18.73 3.59 16.01
CA PHE B 196 18.73 3.94 14.60
C PHE B 196 19.49 2.92 13.75
N ARG B 197 20.55 2.31 14.27
CA ARG B 197 21.27 1.33 13.47
C ARG B 197 20.51 0.01 13.39
N GLY B 198 19.91 -0.43 14.50
CA GLY B 198 19.10 -1.64 14.45
C GLY B 198 17.86 -1.54 13.58
N LEU B 199 17.34 -0.32 13.41
CA LEU B 199 16.16 -0.11 12.57
C LEU B 199 16.52 0.16 11.12
N ARG B 200 17.82 0.31 10.83
CA ARG B 200 18.28 0.73 9.51
C ARG B 200 17.77 2.13 9.16
N TYR B 201 17.49 2.93 10.19
CA TYR B 201 17.33 4.37 9.98
C TYR B 201 18.65 4.98 9.53
N ILE B 202 19.72 4.44 10.07
CA ILE B 202 21.09 4.89 9.69
C ILE B 202 21.80 3.69 9.09
N LYS B 203 22.41 3.86 7.92
CA LYS B 203 23.21 2.78 7.30
C LYS B 203 24.41 3.40 6.57
N HIS B 204 25.63 3.05 6.99
CA HIS B 204 26.87 3.62 6.40
C HIS B 204 27.15 4.95 7.08
N GLY B 205 26.47 5.22 8.17
CA GLY B 205 26.63 6.52 8.85
C GLY B 205 25.72 7.53 8.26
N ASP B 206 25.01 7.13 7.21
CA ASP B 206 24.15 8.10 6.51
C ASP B 206 22.67 7.82 6.80
N ILE B 207 21.90 8.88 6.99
CA ILE B 207 20.46 8.73 7.31
C ILE B 207 19.75 8.05 6.15
N ASN B 208 18.81 7.21 6.48
CA ASN B 208 18.03 6.48 5.47
C ASN B 208 16.58 6.95 5.56
N ILE B 209 16.27 8.03 4.84
CA ILE B 209 14.96 8.67 4.96
C ILE B 209 13.85 7.73 4.54
N ASP B 210 14.12 6.89 3.53
CA ASP B 210 13.13 5.91 3.10
C ASP B 210 12.63 5.06 4.26
N GLU B 211 13.56 4.60 5.11
CA GLU B 211 13.20 3.68 6.19
C GLU B 211 12.30 4.35 7.21
N ILE B 212 12.57 5.62 7.52
CA ILE B 212 11.71 6.34 8.47
C ILE B 212 10.33 6.58 7.86
N VAL B 213 10.29 7.00 6.59
CA VAL B 213 9.01 7.17 5.91
C VAL B 213 8.19 5.89 5.98
N ARG B 214 8.84 4.74 5.74
CA ARG B 214 8.14 3.45 5.80
C ARG B 214 7.39 3.26 7.11
N ASP B 215 8.01 3.64 8.24
CA ASP B 215 7.32 3.50 9.53
C ASP B 215 6.15 4.47 9.68
N PHE B 216 6.23 5.65 9.06
CA PHE B 216 5.04 6.49 8.97
C PHE B 216 3.95 5.84 8.12
N ASP B 217 4.32 5.20 7.00
CA ASP B 217 3.34 4.45 6.22
C ASP B 217 2.66 3.39 7.06
N HIS B 218 3.42 2.74 7.95
CA HIS B 218 2.86 1.64 8.73
C HIS B 218 1.80 2.08 9.73
N ILE B 219 1.83 3.34 10.19
CA ILE B 219 0.77 3.81 11.09
C ILE B 219 -0.34 4.48 10.27
N ASN B 220 -0.33 4.23 8.96
CA ASN B 220 -1.31 4.80 8.03
C ASN B 220 -1.18 6.31 7.90
N ARG B 221 0.04 6.83 8.04
CA ARG B 221 0.26 8.27 7.88
C ARG B 221 1.22 8.54 6.73
N GLY B 222 1.06 7.81 5.62
CA GLY B 222 1.75 8.14 4.39
C GLY B 222 1.55 9.57 3.94
N ASP B 223 0.45 10.23 4.35
CA ASP B 223 0.22 11.62 4.00
C ASP B 223 1.35 12.51 4.49
N LEU B 224 2.11 12.08 5.49
CA LEU B 224 3.15 12.89 6.10
C LEU B 224 4.52 12.73 5.44
N GLU B 225 4.65 11.87 4.42
CA GLU B 225 5.95 11.65 3.80
C GLU B 225 6.65 12.95 3.42
N PRO B 226 6.03 13.89 2.69
CA PRO B 226 6.76 15.13 2.38
C PRO B 226 7.24 15.87 3.61
N ARG B 227 6.42 15.89 4.67
CA ARG B 227 6.83 16.58 5.89
C ARG B 227 8.00 15.86 6.58
N VAL B 228 7.97 14.53 6.60
CA VAL B 228 9.06 13.77 7.19
C VAL B 228 10.38 14.07 6.47
N ARG B 229 10.37 13.90 5.15
CA ARG B 229 11.59 14.12 4.36
C ARG B 229 12.11 15.53 4.52
N THR B 230 11.21 16.51 4.55
CA THR B 230 11.64 17.89 4.72
C THR B 230 12.24 18.13 6.09
N ILE B 231 11.62 17.58 7.14
CA ILE B 231 12.18 17.73 8.48
C ILE B 231 13.57 17.12 8.54
N LEU B 232 13.72 15.92 7.99
CA LEU B 232 15.02 15.25 7.97
C LEU B 232 16.02 16.03 7.11
N SER B 233 15.73 16.16 5.81
CA SER B 233 16.65 16.79 4.88
C SER B 233 17.05 18.20 5.30
N ASP B 234 16.32 18.81 6.23
CA ASP B 234 16.67 20.12 6.77
C ASP B 234 17.29 20.06 8.15
N CYS B 235 17.48 18.86 8.70
CA CYS B 235 18.04 18.75 10.04
C CYS B 235 19.50 19.16 10.02
N ARG B 236 19.89 20.01 10.97
CA ARG B 236 21.29 20.36 11.15
C ARG B 236 21.94 19.31 12.04
N GLY B 237 22.92 18.58 11.49
CA GLY B 237 23.61 17.53 12.23
C GLY B 237 23.45 16.17 11.62
N ILE B 238 24.42 15.27 11.81
CA ILE B 238 24.42 13.95 11.10
C ILE B 238 24.49 12.81 12.11
N GLN B 239 24.43 13.13 13.39
CA GLN B 239 24.39 12.08 14.43
C GLN B 239 22.93 11.68 14.66
N PRO B 240 22.63 10.39 14.88
CA PRO B 240 21.25 9.96 15.06
C PRO B 240 20.41 10.81 16.04
N TYR B 241 21.02 11.29 17.13
CA TYR B 241 20.27 12.11 18.07
C TYR B 241 19.82 13.42 17.41
N ASP B 242 20.55 13.88 16.40
CA ASP B 242 20.14 15.09 15.68
C ASP B 242 18.79 14.88 14.99
N TYR B 243 18.72 13.93 14.06
CA TYR B 243 17.48 13.67 13.34
C TYR B 243 16.35 13.28 14.29
N TYR B 244 16.68 12.54 15.35
CA TYR B 244 15.69 12.20 16.38
C TYR B 244 15.12 13.45 17.02
N SER B 245 15.99 14.35 17.49
CA SER B 245 15.52 15.61 18.06
C SER B 245 14.83 16.49 17.03
N CYS B 246 15.23 16.40 15.76
CA CYS B 246 14.53 17.15 14.74
C CYS B 246 13.08 16.71 14.64
N LEU B 247 12.83 15.40 14.68
CA LEU B 247 11.45 14.93 14.64
C LEU B 247 10.71 15.26 15.93
N ILE B 248 11.38 15.14 17.08
CA ILE B 248 10.74 15.40 18.35
C ILE B 248 10.37 16.88 18.47
N ASN B 249 11.19 17.76 17.91
CA ASN B 249 10.92 19.19 17.92
C ASN B 249 10.13 19.64 16.70
N SER B 250 9.72 18.73 15.84
CA SER B 250 8.93 19.09 14.67
C SER B 250 7.45 19.14 15.03
N ASP B 251 6.64 19.50 14.05
CA ASP B 251 5.19 19.54 14.22
C ASP B 251 4.53 18.18 14.00
N ILE B 252 5.26 17.19 13.54
CA ILE B 252 4.76 15.82 13.48
C ILE B 252 5.30 14.98 14.64
N ARG B 253 5.80 15.63 15.69
CA ARG B 253 6.26 14.97 16.91
C ARG B 253 5.36 13.81 17.35
N GLU B 254 4.07 14.07 17.53
CA GLU B 254 3.17 13.05 18.07
C GLU B 254 3.01 11.87 17.11
N GLU B 255 3.00 12.15 15.81
CA GLU B 255 2.90 11.06 14.85
C GLU B 255 4.19 10.26 14.75
N PHE B 256 5.33 10.89 15.02
CA PHE B 256 6.60 10.16 15.05
C PHE B 256 6.67 9.22 16.25
N LYS B 257 6.13 9.63 17.41
CA LYS B 257 6.11 8.73 18.55
C LYS B 257 5.29 7.49 18.26
N LEU B 258 4.14 7.66 17.59
CA LEU B 258 3.29 6.51 17.23
C LEU B 258 4.03 5.58 16.28
N ALA B 259 4.66 6.16 15.25
CA ALA B 259 5.44 5.36 14.32
C ALA B 259 6.61 4.69 15.03
N PHE B 260 7.28 5.42 15.93
CA PHE B 260 8.43 4.86 16.65
C PHE B 260 8.02 3.73 17.58
N ASP B 261 6.85 3.87 18.22
CA ASP B 261 6.39 2.85 19.16
C ASP B 261 5.87 1.62 18.44
N TYR B 262 5.14 1.83 17.34
CA TYR B 262 4.73 0.69 16.54
C TYR B 262 5.94 -0.04 16.00
N ARG B 263 6.97 0.71 15.55
CA ARG B 263 8.19 0.07 15.09
C ARG B 263 8.87 -0.70 16.21
N ASP B 264 8.79 -0.18 17.44
CA ASP B 264 9.33 -0.93 18.58
C ASP B 264 8.69 -2.31 18.66
N VAL B 265 7.37 -2.36 18.63
CA VAL B 265 6.65 -3.64 18.67
C VAL B 265 7.15 -4.56 17.56
N ARG B 266 7.18 -4.05 16.33
CA ARG B 266 7.61 -4.90 15.22
C ARG B 266 9.09 -5.26 15.30
N SER B 267 9.89 -4.51 16.06
CA SER B 267 11.29 -4.87 16.26
C SER B 267 11.44 -6.09 17.14
N ALA B 268 10.40 -6.43 17.89
CA ALA B 268 10.44 -7.58 18.78
C ALA B 268 9.96 -8.87 18.10
N ASP B 269 9.53 -8.78 16.83
CA ASP B 269 9.16 -9.96 16.04
C ASP B 269 9.35 -9.57 14.57
N TYR B 270 10.52 -9.86 14.03
CA TYR B 270 10.81 -9.45 12.65
C TYR B 270 9.81 -10.01 11.65
N ALA B 271 9.10 -11.09 12.00
CA ALA B 271 8.07 -11.72 11.17
C ALA B 271 6.68 -11.14 11.40
N TYR B 272 6.59 -10.03 12.13
CA TYR B 272 5.31 -9.46 12.51
C TYR B 272 4.37 -9.34 11.32
N ILE B 273 4.84 -8.71 10.24
CA ILE B 273 3.97 -8.42 9.10
C ILE B 273 3.77 -9.66 8.24
N VAL B 274 4.82 -10.47 8.06
CA VAL B 274 4.69 -11.73 7.34
C VAL B 274 3.53 -12.54 7.89
N LYS B 275 3.51 -12.73 9.22
CA LYS B 275 2.47 -13.52 9.86
C LYS B 275 1.06 -12.97 9.64
N GLY B 276 0.94 -11.68 9.27
CA GLY B 276 -0.36 -11.10 9.04
C GLY B 276 -0.88 -10.18 10.13
N ASN B 277 -0.07 -9.85 11.12
CA ASN B 277 -0.55 -8.88 12.09
C ASN B 277 -0.67 -7.50 11.44
N THR B 278 -1.47 -6.64 12.06
CA THR B 278 -1.78 -5.30 11.54
C THR B 278 -1.67 -4.27 12.66
N TYR B 279 -1.86 -3.01 12.31
CA TYR B 279 -1.61 -1.91 13.24
C TYR B 279 -2.81 -1.69 14.16
N ASP B 280 -2.63 -1.96 15.45
CA ASP B 280 -3.62 -1.65 16.48
C ASP B 280 -2.96 -0.66 17.44
N ALA B 281 -3.35 0.63 17.33
CA ALA B 281 -2.66 1.67 18.10
C ALA B 281 -2.86 1.49 19.61
N GLN B 282 -4.01 0.96 20.02
CA GLN B 282 -4.28 0.76 21.45
C GLN B 282 -3.37 -0.31 22.04
N LYS B 283 -3.23 -1.44 21.34
CA LYS B 283 -2.29 -2.45 21.79
C LYS B 283 -0.86 -1.92 21.83
N VAL B 284 -0.50 -1.08 20.86
CA VAL B 284 0.84 -0.49 20.88
C VAL B 284 1.01 0.39 22.11
N ILE B 285 0.01 1.22 22.42
CA ILE B 285 0.13 2.10 23.58
C ILE B 285 0.24 1.27 24.84
N ALA B 286 -0.49 0.15 24.90
CA ALA B 286 -0.52 -0.66 26.11
C ALA B 286 0.87 -1.23 26.42
N GLU B 287 1.54 -1.81 25.42
CA GLU B 287 2.85 -2.41 25.67
C GLU B 287 3.87 -1.35 26.06
N MET B 288 3.89 -0.23 25.34
CA MET B 288 4.80 0.86 25.69
C MET B 288 4.63 1.31 27.14
N ASN B 289 3.39 1.42 27.62
CA ASN B 289 3.20 1.85 29.01
C ASN B 289 3.65 0.78 29.99
N LYS B 290 3.36 -0.49 29.69
CA LYS B 290 3.89 -1.59 30.48
C LYS B 290 5.41 -1.45 30.66
N VAL B 291 6.14 -1.32 29.54
CA VAL B 291 7.59 -1.15 29.63
C VAL B 291 7.94 0.15 30.33
N GLU B 292 7.25 1.23 29.98
CA GLU B 292 7.41 2.49 30.71
C GLU B 292 7.31 2.26 32.22
N LYS B 293 6.27 1.53 32.65
CA LYS B 293 6.06 1.31 34.07
C LYS B 293 7.22 0.53 34.69
N HIS B 294 7.79 -0.43 33.97
CA HIS B 294 8.91 -1.18 34.53
C HIS B 294 10.15 -0.30 34.59
N VAL B 295 10.56 0.26 33.46
CA VAL B 295 11.79 1.05 33.42
C VAL B 295 11.71 2.23 34.39
N CYS B 296 10.52 2.83 34.52
CA CYS B 296 10.39 3.96 35.43
C CYS B 296 9.85 3.46 36.76
#